data_4PQ0
#
_entry.id   4PQ0
#
_cell.length_a   31.080
_cell.length_b   59.150
_cell.length_c   144.930
_cell.angle_alpha   90.00
_cell.angle_beta   90.00
_cell.angle_gamma   90.00
#
_symmetry.space_group_name_H-M   'P 2 21 21'
#
loop_
_entity.id
_entity.type
_entity.pdbx_description
1 polymer 'FACT complex subunit POB3'
2 non-polymer 'MALONIC ACID'
3 water water
#
_entity_poly.entity_id   1
_entity_poly.type   'polypeptide(L)'
_entity_poly.pdbx_seq_one_letter_code
;ADIGEVAGDAIVSFQDVFFTTPRGRYDIDIYKNSIRLRGKTYEYKLQHRQIQRIVSLPKADDIHHLLVLAIEPPLRQGQT
TYPFLVLQFQKDEETEVQLNLEDEDYEENYKDKLKKQYDAKTHIVLSHVLKGLTDRRVIVPGEYKSKYDQCAVSCSFKAN
EGYLYPLDNAFFFLTKPTLYIPFSDVSMVNISRAGQTSTSSRTFDLEVVLRSNRGSTTFANISKEEQQLLEQFLKSKNLR
VK
;
_entity_poly.pdbx_strand_id   A
#
# COMPACT_ATOMS: atom_id res chain seq x y z
N ALA A 1 2.53 -24.55 -13.69
CA ALA A 1 3.23 -23.33 -13.17
C ALA A 1 3.95 -22.46 -14.18
N ASP A 2 3.89 -22.77 -15.47
CA ASP A 2 4.16 -21.75 -16.47
C ASP A 2 3.27 -20.54 -16.16
N ILE A 3 3.86 -19.37 -16.07
CA ILE A 3 3.08 -18.17 -15.78
C ILE A 3 2.09 -17.88 -16.91
N GLY A 4 2.49 -18.22 -18.13
CA GLY A 4 1.65 -17.95 -19.28
C GLY A 4 2.38 -17.24 -20.39
N GLU A 5 1.68 -17.09 -21.50
CA GLU A 5 2.25 -16.49 -22.70
C GLU A 5 2.36 -14.97 -22.54
N VAL A 6 3.24 -14.38 -23.35
CA VAL A 6 3.46 -12.93 -23.32
C VAL A 6 2.13 -12.20 -23.37
N ALA A 7 2.00 -11.17 -22.53
CA ALA A 7 0.78 -10.38 -22.49
C ALA A 7 0.82 -9.28 -23.55
N GLY A 8 0.74 -9.71 -24.81
CA GLY A 8 0.91 -8.81 -25.95
C GLY A 8 -0.05 -7.65 -26.08
N ASP A 9 -1.27 -7.78 -25.55
CA ASP A 9 -2.27 -6.71 -25.64
C ASP A 9 -2.30 -5.76 -24.45
N ALA A 10 -1.50 -6.04 -23.43
CA ALA A 10 -1.44 -5.16 -22.24
C ALA A 10 -0.92 -3.79 -22.65
N ILE A 11 -1.44 -2.75 -22.00
CA ILE A 11 -0.94 -1.39 -22.12
C ILE A 11 0.50 -1.33 -21.61
N VAL A 12 0.75 -2.01 -20.49
CA VAL A 12 2.08 -2.11 -19.89
C VAL A 12 2.09 -3.27 -18.94
N SER A 13 3.24 -3.90 -18.82
CA SER A 13 3.43 -5.01 -17.89
C SER A 13 4.61 -4.79 -17.00
N PHE A 14 4.50 -5.26 -15.77
CA PHE A 14 5.60 -5.27 -14.81
C PHE A 14 5.84 -6.71 -14.44
N GLN A 15 6.95 -7.29 -14.90
CA GLN A 15 7.18 -8.70 -14.66
C GLN A 15 7.79 -8.98 -13.30
N ASP A 16 7.43 -10.12 -12.72
CA ASP A 16 8.18 -10.70 -11.60
C ASP A 16 8.22 -9.75 -10.42
N VAL A 17 7.10 -9.10 -10.14
CA VAL A 17 6.98 -8.19 -9.02
C VAL A 17 6.88 -9.01 -7.74
N PHE A 18 7.67 -8.61 -6.76
CA PHE A 18 7.66 -9.22 -5.44
C PHE A 18 6.44 -8.69 -4.68
N PHE A 19 5.42 -9.53 -4.48
CA PHE A 19 4.32 -9.16 -3.61
C PHE A 19 4.66 -9.74 -2.23
N THR A 20 4.51 -8.95 -1.18
CA THR A 20 4.66 -9.47 0.17
C THR A 20 3.33 -10.00 0.67
N THR A 21 2.24 -9.38 0.20
CA THR A 21 0.89 -9.82 0.49
C THR A 21 0.02 -9.77 -0.77
N PRO A 22 -0.48 -10.94 -1.22
CA PRO A 22 -0.07 -12.23 -0.69
C PRO A 22 1.38 -12.45 -1.11
N ARG A 23 2.05 -13.40 -0.50
CA ARG A 23 3.46 -13.57 -0.79
C ARG A 23 3.69 -14.37 -2.07
N GLY A 24 4.37 -13.76 -3.03
CA GLY A 24 4.65 -14.44 -4.28
C GLY A 24 5.14 -13.48 -5.32
N ARG A 25 5.56 -14.02 -6.46
CA ARG A 25 5.99 -13.24 -7.60
C ARG A 25 4.87 -13.21 -8.61
N TYR A 26 4.46 -12.00 -8.97
CA TYR A 26 3.40 -11.83 -9.95
C TYR A 26 3.81 -10.90 -11.07
N ASP A 27 3.42 -11.27 -12.29
CA ASP A 27 3.43 -10.32 -13.38
C ASP A 27 2.18 -9.47 -13.26
N ILE A 28 2.33 -8.17 -13.44
CA ILE A 28 1.21 -7.24 -13.40
C ILE A 28 0.98 -6.74 -14.80
N ASP A 29 -0.09 -7.19 -15.42
CA ASP A 29 -0.41 -6.82 -16.80
C ASP A 29 -1.61 -5.88 -16.74
N ILE A 30 -1.40 -4.67 -17.23
CA ILE A 30 -2.35 -3.58 -17.08
C ILE A 30 -3.06 -3.33 -18.39
N TYR A 31 -4.39 -3.38 -18.33
CA TYR A 31 -5.26 -3.24 -19.48
C TYR A 31 -6.16 -2.04 -19.34
N LYS A 32 -6.96 -1.79 -20.37
CA LYS A 32 -7.86 -0.64 -20.38
C LYS A 32 -8.78 -0.59 -19.18
N ASN A 33 -9.40 -1.73 -18.86
CA ASN A 33 -10.40 -1.81 -17.79
C ASN A 33 -10.00 -2.68 -16.62
N SER A 34 -8.90 -3.42 -16.78
CA SER A 34 -8.58 -4.40 -15.80
C SER A 34 -7.09 -4.49 -15.61
N ILE A 35 -6.73 -5.22 -14.57
CA ILE A 35 -5.35 -5.63 -14.30
C ILE A 35 -5.34 -7.12 -14.08
N ARG A 36 -4.41 -7.82 -14.70
CA ARG A 36 -4.21 -9.22 -14.40
C ARG A 36 -2.94 -9.43 -13.60
N LEU A 37 -3.00 -10.27 -12.58
CA LEU A 37 -1.85 -10.62 -11.76
C LEU A 37 -1.58 -12.08 -12.06
N ARG A 38 -0.45 -12.35 -12.70
CA ARG A 38 -0.15 -13.71 -13.13
C ARG A 38 1.05 -14.27 -12.41
N GLY A 39 0.81 -15.36 -11.67
CA GLY A 39 1.84 -16.06 -10.95
C GLY A 39 1.96 -17.51 -11.38
N LYS A 40 2.95 -18.20 -10.83
CA LYS A 40 3.18 -19.59 -11.20
C LYS A 40 2.18 -20.54 -10.52
N THR A 41 1.52 -20.09 -9.47
CA THR A 41 0.57 -20.94 -8.72
C THR A 41 -0.85 -20.38 -8.72
N TYR A 42 -0.99 -19.06 -8.66
CA TYR A 42 -2.27 -18.39 -8.63
C TYR A 42 -2.27 -17.28 -9.67
N GLU A 43 -3.44 -16.92 -10.13
CA GLU A 43 -3.62 -15.74 -10.95
C GLU A 43 -4.97 -15.08 -10.66
N TYR A 44 -5.03 -13.79 -10.93
CA TYR A 44 -6.17 -12.97 -10.57
C TYR A 44 -6.46 -11.96 -11.64
N LYS A 45 -7.71 -11.50 -11.69
CA LYS A 45 -8.10 -10.39 -12.52
C LYS A 45 -8.84 -9.40 -11.66
N LEU A 46 -8.39 -8.15 -11.66
CA LEU A 46 -9.01 -7.04 -10.95
C LEU A 46 -9.58 -6.02 -11.92
N GLN A 47 -10.73 -5.46 -11.58
CA GLN A 47 -11.26 -4.32 -12.28
C GLN A 47 -10.61 -3.08 -11.71
N HIS A 48 -10.41 -2.06 -12.54
CA HIS A 48 -9.77 -0.85 -12.03
C HIS A 48 -10.51 -0.30 -10.81
N ARG A 49 -11.84 -0.31 -10.86
CA ARG A 49 -12.62 0.28 -9.76
C ARG A 49 -12.57 -0.55 -8.49
N GLN A 50 -12.07 -1.78 -8.61
CA GLN A 50 -11.87 -2.63 -7.46
C GLN A 50 -10.75 -2.11 -6.55
N ILE A 51 -9.81 -1.37 -7.12
CA ILE A 51 -8.78 -0.73 -6.32
C ILE A 51 -9.40 0.50 -5.66
N GLN A 52 -9.51 0.48 -4.34
CA GLN A 52 -10.20 1.52 -3.57
C GLN A 52 -9.27 2.61 -3.09
N ARG A 53 -8.03 2.23 -2.86
CA ARG A 53 -7.04 3.08 -2.26
C ARG A 53 -5.67 2.63 -2.72
N ILE A 54 -4.78 3.60 -2.89
CA ILE A 54 -3.39 3.34 -3.25
C ILE A 54 -2.55 4.09 -2.23
N VAL A 55 -1.65 3.35 -1.58
CA VAL A 55 -0.72 3.93 -0.60
C VAL A 55 0.70 3.63 -1.06
N SER A 56 1.55 4.64 -1.07
CA SER A 56 2.92 4.48 -1.54
C SER A 56 3.83 4.94 -0.45
N LEU A 57 4.63 4.04 0.12
CA LEU A 57 5.45 4.36 1.29
C LEU A 57 6.81 3.75 1.20
N PRO A 58 7.85 4.47 1.63
CA PRO A 58 9.13 3.79 1.82
C PRO A 58 9.04 2.75 2.92
N LYS A 59 9.63 1.60 2.67
CA LYS A 59 9.73 0.55 3.66
C LYS A 59 10.68 1.01 4.75
N ALA A 60 10.43 0.57 5.98
CA ALA A 60 11.27 1.01 7.09
C ALA A 60 12.70 0.47 7.03
N ASP A 61 12.97 -0.41 6.08
CA ASP A 61 14.29 -1.03 5.94
C ASP A 61 15.32 -0.23 5.14
N ASP A 62 14.96 0.97 4.67
CA ASP A 62 15.91 1.84 3.97
C ASP A 62 16.29 1.33 2.58
N ILE A 63 15.62 0.27 2.11
CA ILE A 63 16.02 -0.42 0.88
C ILE A 63 14.89 -0.44 -0.14
N HIS A 64 13.68 -0.70 0.34
CA HIS A 64 12.55 -0.88 -0.55
C HIS A 64 11.53 0.22 -0.45
N HIS A 65 10.66 0.22 -1.44
CA HIS A 65 9.50 1.07 -1.46
C HIS A 65 8.30 0.19 -1.70
N LEU A 66 7.21 0.49 -1.01
CA LEU A 66 6.03 -0.33 -1.06
C LEU A 66 4.88 0.39 -1.75
N LEU A 67 4.08 -0.38 -2.50
CA LEU A 67 2.82 0.12 -2.96
C LEU A 67 1.77 -0.80 -2.36
N VAL A 68 0.76 -0.20 -1.76
CA VAL A 68 -0.31 -0.95 -1.11
C VAL A 68 -1.62 -0.62 -1.83
N LEU A 69 -2.33 -1.65 -2.26
CA LEU A 69 -3.61 -1.48 -2.93
C LEU A 69 -4.70 -2.08 -2.05
N ALA A 70 -5.64 -1.25 -1.62
CA ALA A 70 -6.84 -1.72 -0.95
C ALA A 70 -7.82 -2.15 -2.02
N ILE A 71 -8.31 -3.39 -1.93
CA ILE A 71 -9.20 -3.90 -2.95
C ILE A 71 -10.51 -4.46 -2.39
N GLU A 72 -11.58 -4.21 -3.13
CA GLU A 72 -12.92 -4.68 -2.77
C GLU A 72 -13.59 -5.20 -4.06
N PRO A 73 -13.96 -6.49 -4.10
CA PRO A 73 -13.77 -7.41 -3.01
C PRO A 73 -12.32 -7.78 -2.81
N PRO A 74 -12.00 -8.38 -1.67
CA PRO A 74 -10.65 -8.82 -1.46
C PRO A 74 -10.33 -9.97 -2.39
N LEU A 75 -9.06 -10.30 -2.45
CA LEU A 75 -8.58 -11.36 -3.27
C LEU A 75 -8.52 -12.62 -2.40
N ARG A 76 -8.83 -13.77 -3.01
CA ARG A 76 -8.91 -15.01 -2.27
C ARG A 76 -7.80 -15.91 -2.71
N GLN A 77 -7.07 -16.46 -1.75
CA GLN A 77 -6.07 -17.47 -2.02
C GLN A 77 -6.44 -18.67 -1.13
N GLY A 78 -7.27 -19.56 -1.65
CA GLY A 78 -7.75 -20.72 -0.89
C GLY A 78 -8.76 -20.25 0.15
N GLN A 79 -8.46 -20.50 1.41
CA GLN A 79 -9.32 -20.07 2.51
C GLN A 79 -8.89 -18.72 3.11
N THR A 80 -7.84 -18.11 2.54
CA THR A 80 -7.35 -16.83 3.02
C THR A 80 -7.78 -15.67 2.12
N THR A 81 -8.20 -14.59 2.74
CA THR A 81 -8.72 -13.42 2.05
C THR A 81 -7.75 -12.22 2.24
N TYR A 82 -7.56 -11.41 1.19
CA TYR A 82 -6.59 -10.30 1.19
C TYR A 82 -7.23 -8.99 0.77
N PRO A 83 -7.62 -8.12 1.74
CA PRO A 83 -8.21 -6.86 1.34
C PRO A 83 -7.16 -5.83 0.93
N PHE A 84 -5.88 -6.14 1.20
CA PHE A 84 -4.74 -5.32 0.74
C PHE A 84 -3.71 -6.14 0.00
N LEU A 85 -3.25 -5.60 -1.13
CA LEU A 85 -2.12 -6.18 -1.80
C LEU A 85 -0.94 -5.29 -1.47
N VAL A 86 0.19 -5.91 -1.14
CA VAL A 86 1.41 -5.17 -0.80
C VAL A 86 2.49 -5.60 -1.78
N LEU A 87 2.99 -4.64 -2.54
CA LEU A 87 4.00 -4.85 -3.58
C LEU A 87 5.26 -4.19 -3.10
N GLN A 88 6.40 -4.82 -3.36
CA GLN A 88 7.67 -4.30 -2.89
C GLN A 88 8.62 -4.11 -4.05
N PHE A 89 9.28 -2.95 -4.12
CA PHE A 89 10.27 -2.68 -5.11
C PHE A 89 11.50 -2.18 -4.41
N GLN A 90 12.65 -2.45 -5.00
CA GLN A 90 13.85 -1.79 -4.52
C GLN A 90 13.69 -0.32 -4.83
N LYS A 91 14.06 0.53 -3.89
CA LYS A 91 13.69 1.93 -4.01
C LYS A 91 14.25 2.58 -5.26
N ASP A 92 15.35 2.06 -5.81
CA ASP A 92 15.96 2.68 -6.98
C ASP A 92 15.86 1.87 -8.28
N GLU A 93 15.10 0.78 -8.29
CA GLU A 93 14.89 0.07 -9.54
C GLU A 93 14.03 0.94 -10.45
N GLU A 94 14.31 0.88 -11.75
CA GLU A 94 13.67 1.79 -12.70
C GLU A 94 12.98 1.07 -13.84
N THR A 95 11.99 1.75 -14.42
CA THR A 95 11.27 1.26 -15.55
C THR A 95 11.30 2.32 -16.66
N GLU A 96 11.79 1.94 -17.83
CA GLU A 96 11.69 2.77 -19.01
C GLU A 96 10.77 2.00 -19.96
N VAL A 97 9.63 2.58 -20.26
CA VAL A 97 8.62 1.90 -21.07
C VAL A 97 7.79 2.85 -21.89
N GLN A 98 7.51 2.43 -23.12
CA GLN A 98 6.57 3.14 -23.97
C GLN A 98 5.29 2.34 -23.91
N LEU A 99 4.19 3.00 -23.57
CA LEU A 99 2.92 2.30 -23.43
C LEU A 99 2.46 1.75 -24.75
N ASN A 100 1.85 0.58 -24.68
CA ASN A 100 1.31 -0.09 -25.86
C ASN A 100 -0.08 0.48 -26.13
N LEU A 101 -0.09 1.67 -26.71
CA LEU A 101 -1.34 2.33 -27.07
C LEU A 101 -1.12 3.04 -28.35
N GLU A 102 -1.97 2.77 -29.33
CA GLU A 102 -1.94 3.50 -30.60
C GLU A 102 -2.12 5.00 -30.35
N ASP A 103 -1.51 5.81 -31.23
CA ASP A 103 -1.51 7.27 -31.06
C ASP A 103 -2.90 7.87 -30.91
N GLU A 104 -3.80 7.46 -31.80
CA GLU A 104 -5.18 7.97 -31.78
C GLU A 104 -5.89 7.64 -30.47
N ASP A 105 -5.76 6.40 -30.04
CA ASP A 105 -6.35 5.93 -28.79
C ASP A 105 -5.82 6.72 -27.60
N TYR A 106 -4.50 6.85 -27.58
CA TYR A 106 -3.87 7.65 -26.52
C TYR A 106 -4.44 9.05 -26.46
N GLU A 107 -4.45 9.72 -27.60
CA GLU A 107 -4.92 11.08 -27.67
C GLU A 107 -6.36 11.25 -27.20
N GLU A 108 -7.25 10.39 -27.67
CA GLU A 108 -8.67 10.53 -27.35
C GLU A 108 -8.99 10.09 -25.93
N ASN A 109 -8.32 9.05 -25.44
CA ASN A 109 -8.78 8.36 -24.24
C ASN A 109 -7.84 8.33 -23.02
N TYR A 110 -6.56 8.66 -23.20
CA TYR A 110 -5.59 8.52 -22.11
C TYR A 110 -4.70 9.72 -21.83
N LYS A 111 -4.76 10.73 -22.69
CA LYS A 111 -3.72 11.77 -22.63
C LYS A 111 -3.65 12.49 -21.30
N ASP A 112 -4.77 12.58 -20.58
CA ASP A 112 -4.78 13.20 -19.25
C ASP A 112 -4.58 12.20 -18.11
N LYS A 113 -4.53 10.92 -18.44
CA LYS A 113 -4.40 9.84 -17.48
C LYS A 113 -2.97 9.33 -17.42
N LEU A 114 -2.39 9.08 -18.58
CA LEU A 114 -1.10 8.38 -18.64
C LEU A 114 -0.10 9.15 -19.49
N LYS A 115 1.18 8.93 -19.23
CA LYS A 115 2.23 9.32 -20.18
C LYS A 115 2.35 8.29 -21.31
N LYS A 116 2.84 8.71 -22.47
CA LYS A 116 3.17 7.79 -23.56
C LYS A 116 4.43 7.02 -23.29
N GLN A 117 5.40 7.72 -22.67
CA GLN A 117 6.70 7.17 -22.36
C GLN A 117 7.04 7.48 -20.93
N TYR A 118 7.38 6.44 -20.19
CA TYR A 118 7.83 6.59 -18.82
C TYR A 118 9.28 6.23 -18.71
N ASP A 119 9.96 6.90 -17.77
CA ASP A 119 11.35 6.58 -17.42
C ASP A 119 11.60 7.08 -16.03
N ALA A 120 11.30 6.23 -15.05
CA ALA A 120 11.36 6.66 -13.67
C ALA A 120 11.51 5.44 -12.78
N LYS A 121 11.58 5.67 -11.48
CA LYS A 121 11.60 4.56 -10.55
C LYS A 121 10.38 3.69 -10.78
N THR A 122 10.55 2.40 -10.69
CA THR A 122 9.45 1.50 -11.04
C THR A 122 8.22 1.78 -10.19
N HIS A 123 8.41 2.02 -8.90
CA HIS A 123 7.26 2.24 -8.06
C HIS A 123 6.50 3.51 -8.47
N ILE A 124 7.24 4.49 -8.98
CA ILE A 124 6.65 5.74 -9.47
C ILE A 124 5.86 5.53 -10.75
N VAL A 125 6.43 4.80 -11.70
CA VAL A 125 5.73 4.48 -12.93
C VAL A 125 4.44 3.74 -12.62
N LEU A 126 4.54 2.70 -11.80
CA LEU A 126 3.35 1.90 -11.53
C LEU A 126 2.27 2.73 -10.80
N SER A 127 2.67 3.52 -9.81
CA SER A 127 1.69 4.33 -9.08
C SER A 127 1.07 5.38 -10.01
N HIS A 128 1.85 5.93 -10.93
CA HIS A 128 1.31 6.91 -11.88
C HIS A 128 0.29 6.26 -12.79
N VAL A 129 0.60 5.07 -13.30
CA VAL A 129 -0.27 4.34 -14.18
C VAL A 129 -1.53 3.98 -13.41
N LEU A 130 -1.38 3.45 -12.19
CA LEU A 130 -2.59 3.06 -11.42
C LEU A 130 -3.46 4.26 -11.07
N LYS A 131 -2.84 5.37 -10.64
CA LYS A 131 -3.60 6.60 -10.36
C LYS A 131 -4.36 7.01 -11.59
N GLY A 132 -3.71 6.99 -12.74
CA GLY A 132 -4.34 7.39 -14.00
C GLY A 132 -5.52 6.52 -14.38
N LEU A 133 -5.42 5.20 -14.16
CA LEU A 133 -6.47 4.31 -14.65
C LEU A 133 -7.59 4.09 -13.63
N THR A 134 -7.27 4.18 -12.35
CA THR A 134 -8.22 3.91 -11.28
C THR A 134 -8.86 5.16 -10.71
N ASP A 135 -8.27 6.31 -10.99
CA ASP A 135 -8.74 7.60 -10.45
C ASP A 135 -8.60 7.74 -8.94
N ARG A 136 -7.81 6.90 -8.28
CA ARG A 136 -7.65 7.02 -6.85
C ARG A 136 -6.44 7.89 -6.60
N ARG A 137 -6.49 8.65 -5.51
CA ARG A 137 -5.36 9.45 -5.09
C ARG A 137 -4.32 8.49 -4.54
N VAL A 138 -3.05 8.86 -4.63
CA VAL A 138 -2.01 8.05 -4.04
C VAL A 138 -1.61 8.65 -2.70
N ILE A 139 -1.90 7.91 -1.64
CA ILE A 139 -1.57 8.35 -0.29
C ILE A 139 -0.09 8.12 -0.01
N VAL A 140 0.56 9.12 0.58
CA VAL A 140 2.01 9.09 0.82
C VAL A 140 2.27 9.51 2.28
N PRO A 141 3.51 9.31 2.79
CA PRO A 141 3.73 9.69 4.18
C PRO A 141 3.49 11.19 4.36
N GLY A 142 2.94 11.52 5.52
CA GLY A 142 2.53 12.87 5.79
C GLY A 142 3.52 13.56 6.69
N GLU A 143 2.99 14.23 7.70
CA GLU A 143 3.76 15.14 8.53
C GLU A 143 4.47 14.39 9.66
N TYR A 144 3.98 13.20 10.02
CA TYR A 144 4.59 12.45 11.11
C TYR A 144 6.05 12.11 10.84
N LYS A 145 6.90 12.54 11.76
CA LYS A 145 8.29 12.10 11.83
C LYS A 145 8.52 11.51 13.21
N SER A 146 9.20 10.38 13.26
CA SER A 146 9.55 9.79 14.55
C SER A 146 10.68 10.62 15.15
N LYS A 147 11.27 10.09 16.21
CA LYS A 147 12.55 10.57 16.68
C LYS A 147 13.57 9.71 15.96
N TYR A 148 14.22 10.33 14.99
CA TYR A 148 15.11 9.67 14.04
C TYR A 148 14.47 9.66 12.64
N ASP A 149 13.65 10.67 12.37
CA ASP A 149 13.06 10.89 11.04
C ASP A 149 12.80 9.62 10.24
N GLN A 150 11.80 8.87 10.69
CA GLN A 150 11.32 7.68 10.02
C GLN A 150 9.80 7.81 9.88
N CYS A 151 9.24 7.15 8.87
CA CYS A 151 7.79 7.22 8.58
C CYS A 151 6.96 6.28 9.47
N ALA A 152 7.64 5.34 10.13
CA ALA A 152 6.96 4.29 10.88
C ALA A 152 7.81 3.83 12.04
N VAL A 153 7.15 3.25 13.03
CA VAL A 153 7.82 2.66 14.19
C VAL A 153 7.55 1.18 14.29
N SER A 154 8.55 0.43 14.76
CA SER A 154 8.39 -1.01 14.93
C SER A 154 7.46 -1.33 16.11
N CYS A 155 6.69 -2.40 15.96
CA CYS A 155 5.74 -2.83 16.99
C CYS A 155 5.24 -4.22 16.72
N SER A 156 4.27 -4.68 17.51
CA SER A 156 3.67 -5.94 17.24
C SER A 156 2.15 -5.77 17.30
N PHE A 157 1.48 -6.59 16.50
CA PHE A 157 0.05 -6.71 16.56
C PHE A 157 -0.25 -8.19 16.72
N LYS A 158 -0.93 -8.53 17.80
CA LYS A 158 -1.02 -9.93 18.20
C LYS A 158 0.40 -10.53 18.26
N ALA A 159 0.63 -11.69 17.69
CA ALA A 159 1.95 -12.34 17.87
C ALA A 159 2.99 -11.85 16.85
N ASN A 160 2.62 -10.93 15.98
CA ASN A 160 3.45 -10.64 14.79
C ASN A 160 4.01 -9.24 14.82
N GLU A 161 5.32 -9.14 14.66
CA GLU A 161 5.96 -7.84 14.67
C GLU A 161 5.80 -7.20 13.30
N GLY A 162 5.75 -5.89 13.28
CA GLY A 162 5.62 -5.17 12.03
C GLY A 162 5.93 -3.72 12.23
N TYR A 163 5.37 -2.89 11.34
CA TYR A 163 5.64 -1.48 11.37
C TYR A 163 4.33 -0.72 11.27
N LEU A 164 4.23 0.28 12.10
CA LEU A 164 3.07 1.15 12.16
C LEU A 164 3.42 2.51 11.58
N TYR A 165 2.67 2.93 10.56
CA TYR A 165 2.83 4.23 9.94
C TYR A 165 1.68 5.12 10.40
N PRO A 166 1.99 6.19 11.16
CA PRO A 166 0.94 7.19 11.41
C PRO A 166 0.85 8.12 10.21
N LEU A 167 -0.13 7.88 9.35
CA LEU A 167 -0.27 8.64 8.14
C LEU A 167 -1.04 9.88 8.52
N ASP A 168 -1.27 10.76 7.55
CA ASP A 168 -1.98 11.99 7.84
C ASP A 168 -3.40 11.77 8.33
N ASN A 169 -4.02 10.67 7.90
CA ASN A 169 -5.41 10.42 8.21
C ASN A 169 -5.74 9.00 8.62
N ALA A 170 -4.73 8.22 9.00
CA ALA A 170 -4.97 6.82 9.27
C ALA A 170 -3.75 6.20 9.95
N PHE A 171 -4.00 5.10 10.66
CA PHE A 171 -2.92 4.22 11.13
C PHE A 171 -2.79 3.16 10.05
N PHE A 172 -1.57 2.87 9.61
CA PHE A 172 -1.36 1.81 8.64
C PHE A 172 -0.30 0.88 9.21
N PHE A 173 -0.64 -0.38 9.32
CA PHE A 173 0.27 -1.42 9.81
C PHE A 173 0.49 -2.51 8.78
N LEU A 174 1.72 -3.00 8.62
CA LEU A 174 1.91 -4.20 7.80
C LEU A 174 3.00 -5.08 8.43
N THR A 175 3.04 -6.38 8.14
CA THR A 175 2.26 -7.08 7.11
C THR A 175 1.32 -8.20 7.56
N LYS A 176 1.44 -8.73 8.78
CA LYS A 176 0.59 -9.88 9.17
C LYS A 176 -0.34 -9.58 10.34
N PRO A 177 -1.56 -9.09 10.06
CA PRO A 177 -2.07 -8.80 8.74
C PRO A 177 -1.74 -7.36 8.35
N THR A 178 -2.22 -6.93 7.20
CA THR A 178 -2.09 -5.54 6.82
C THR A 178 -3.34 -4.82 7.27
N LEU A 179 -3.16 -3.65 7.89
CA LEU A 179 -4.26 -2.89 8.49
C LEU A 179 -4.25 -1.42 8.12
N TYR A 180 -5.43 -0.88 7.83
CA TYR A 180 -5.57 0.54 7.57
C TYR A 180 -6.75 1.01 8.42
N ILE A 181 -6.49 1.90 9.37
CA ILE A 181 -7.52 2.40 10.30
C ILE A 181 -7.64 3.91 10.17
N PRO A 182 -8.71 4.38 9.51
CA PRO A 182 -8.79 5.83 9.38
C PRO A 182 -9.00 6.49 10.73
N PHE A 183 -8.42 7.67 10.91
CA PHE A 183 -8.53 8.39 12.19
C PHE A 183 -9.96 8.73 12.50
N SER A 184 -10.78 8.84 11.47
CA SER A 184 -12.21 9.08 11.62
C SER A 184 -12.95 7.94 12.38
N ASP A 185 -12.34 6.75 12.39
CA ASP A 185 -12.84 5.58 13.15
C ASP A 185 -12.35 5.48 14.61
N VAL A 186 -11.50 6.40 15.04
CA VAL A 186 -10.81 6.26 16.30
C VAL A 186 -11.52 7.02 17.43
N SER A 187 -12.02 6.25 18.39
CA SER A 187 -12.72 6.80 19.56
C SER A 187 -11.68 7.52 20.37
N MET A 188 -10.67 6.76 20.73
CA MET A 188 -9.58 7.26 21.52
C MET A 188 -8.38 6.36 21.37
N VAL A 189 -7.25 6.86 21.85
CA VAL A 189 -6.00 6.15 21.87
C VAL A 189 -5.58 5.97 23.33
N ASN A 190 -5.78 4.77 23.84
CA ASN A 190 -5.26 4.42 25.16
C ASN A 190 -3.78 4.11 25.02
N ILE A 191 -2.95 4.99 25.58
CA ILE A 191 -1.51 4.73 25.70
C ILE A 191 -1.23 4.07 27.05
N SER A 192 -0.12 3.35 27.15
CA SER A 192 0.31 2.74 28.41
C SER A 192 1.81 2.44 28.42
N ARG A 202 12.96 -0.38 27.28
CA ARG A 202 11.61 -0.04 27.68
C ARG A 202 10.74 0.34 26.49
N THR A 203 9.46 0.04 26.59
CA THR A 203 8.50 0.19 25.50
C THR A 203 7.17 0.66 26.07
N PHE A 204 6.22 0.97 25.18
CA PHE A 204 4.83 1.22 25.57
C PHE A 204 3.91 0.61 24.53
N ASP A 205 2.62 0.58 24.85
CA ASP A 205 1.60 0.00 24.00
C ASP A 205 0.60 1.09 23.59
N LEU A 206 0.12 1.00 22.35
CA LEU A 206 -0.83 1.97 21.81
C LEU A 206 -2.08 1.24 21.42
N GLU A 207 -3.13 1.42 22.20
CA GLU A 207 -4.39 0.76 21.97
C GLU A 207 -5.22 1.74 21.23
N VAL A 208 -5.56 1.38 20.00
CA VAL A 208 -6.44 2.19 19.20
C VAL A 208 -7.83 1.71 19.47
N VAL A 209 -8.52 2.49 20.32
CA VAL A 209 -9.89 2.20 20.62
C VAL A 209 -10.75 2.80 19.53
N LEU A 210 -11.55 1.94 18.92
CA LEU A 210 -12.41 2.28 17.83
C LEU A 210 -13.70 2.89 18.38
N ARG A 211 -14.35 3.72 17.57
CA ARG A 211 -15.62 4.33 17.93
C ARG A 211 -16.73 3.28 18.06
N SER A 212 -17.76 3.61 18.82
CA SER A 212 -18.97 2.79 18.95
C SER A 212 -18.72 1.40 19.54
N ASN A 213 -17.73 1.30 20.43
CA ASN A 213 -17.35 0.02 21.04
C ASN A 213 -17.14 -1.16 20.11
N ARG A 214 -16.47 -0.93 18.99
CA ARG A 214 -16.12 -1.99 18.04
C ARG A 214 -14.96 -2.82 18.57
N GLY A 215 -14.27 -2.28 19.57
CA GLY A 215 -13.14 -2.95 20.16
C GLY A 215 -11.93 -2.08 20.05
N SER A 216 -10.77 -2.73 20.05
CA SER A 216 -9.54 -2.03 19.96
C SER A 216 -8.53 -2.88 19.18
N THR A 217 -7.56 -2.17 18.64
CA THR A 217 -6.46 -2.77 17.93
C THR A 217 -5.27 -2.23 18.67
N THR A 218 -4.45 -3.11 19.24
CA THR A 218 -3.33 -2.64 19.98
C THR A 218 -2.02 -2.89 19.24
N PHE A 219 -1.23 -1.84 19.11
CA PHE A 219 0.11 -1.88 18.60
C PHE A 219 1.05 -1.83 19.79
N ALA A 220 1.63 -2.99 20.07
CA ALA A 220 2.37 -3.24 21.29
C ALA A 220 3.86 -3.13 21.12
N ASN A 221 4.54 -2.84 22.23
CA ASN A 221 5.99 -2.81 22.31
C ASN A 221 6.65 -1.80 21.38
N ILE A 222 6.06 -0.61 21.35
CA ILE A 222 6.65 0.53 20.68
C ILE A 222 7.65 1.15 21.63
N SER A 223 8.87 1.38 21.15
CA SER A 223 9.90 2.02 21.97
C SER A 223 9.35 3.24 22.72
N LYS A 224 9.80 3.43 23.96
CA LYS A 224 9.42 4.62 24.72
C LYS A 224 10.15 5.84 24.13
N GLU A 225 11.24 5.59 23.41
CA GLU A 225 11.95 6.62 22.65
C GLU A 225 11.06 7.32 21.59
N GLU A 226 9.80 6.86 21.43
CA GLU A 226 8.89 7.37 20.38
C GLU A 226 7.59 7.99 20.89
N GLN A 227 7.31 7.85 22.17
CA GLN A 227 5.97 8.08 22.71
C GLN A 227 5.45 9.53 22.63
N GLN A 228 6.31 10.50 22.94
CA GLN A 228 5.89 11.90 23.02
C GLN A 228 5.59 12.48 21.63
N LEU A 229 6.52 12.24 20.71
CA LEU A 229 6.33 12.59 19.29
C LEU A 229 5.08 11.96 18.70
N LEU A 230 4.95 10.66 18.87
CA LEU A 230 3.75 9.93 18.46
C LEU A 230 2.52 10.56 19.12
N GLU A 231 2.64 10.90 20.40
CA GLU A 231 1.55 11.55 21.15
C GLU A 231 1.23 12.94 20.58
N GLN A 232 2.26 13.73 20.31
CA GLN A 232 2.09 15.11 19.82
C GLN A 232 1.40 15.12 18.46
N PHE A 233 1.88 14.27 17.55
CA PHE A 233 1.26 14.08 16.24
C PHE A 233 -0.21 13.70 16.36
N LEU A 234 -0.49 12.64 17.11
CA LEU A 234 -1.85 12.16 17.25
C LEU A 234 -2.74 13.19 17.92
N LYS A 235 -2.14 13.97 18.82
CA LYS A 235 -2.80 15.13 19.41
C LYS A 235 -3.13 16.14 18.32
N SER A 236 -2.14 16.50 17.51
CA SER A 236 -2.33 17.41 16.37
C SER A 236 -3.52 17.02 15.48
N LYS A 237 -3.94 15.76 15.53
CA LYS A 237 -5.12 15.28 14.81
C LYS A 237 -6.40 15.23 15.65
N ASN A 238 -6.36 15.77 16.87
CA ASN A 238 -7.53 15.84 17.76
C ASN A 238 -8.22 14.49 17.86
N LEU A 239 -7.49 13.52 18.42
CA LEU A 239 -7.98 12.15 18.50
C LEU A 239 -8.53 11.78 19.86
N ARG A 240 -7.68 11.89 20.87
CA ARG A 240 -8.00 11.45 22.23
C ARG A 240 -6.74 11.29 23.08
N VAL A 241 -6.02 10.19 22.89
CA VAL A 241 -4.85 9.88 23.72
C VAL A 241 -5.24 9.52 25.16
N LYS A 242 -4.25 9.42 26.05
CA LYS A 242 -4.45 9.13 27.48
C LYS A 242 -3.29 8.31 28.03
#